data_2XKO
#
_entry.id   2XKO
#
_cell.length_a   52.020
_cell.length_b   52.020
_cell.length_c   227.730
_cell.angle_alpha   90.00
_cell.angle_beta   90.00
_cell.angle_gamma   90.00
#
_symmetry.space_group_name_H-M   'P 41'
#
loop_
_entity.id
_entity.type
_entity.pdbx_description
1 polymer 'GLOBAL NITROGEN REGULATOR'
2 polymer PIPX
3 non-polymer '2-OXOGLUTARIC ACID'
4 water water
#
loop_
_entity_poly.entity_id
_entity_poly.type
_entity_poly.pdbx_seq_one_letter_code
_entity_poly.pdbx_strand_id
1 'polypeptide(L)'
;MLANENSLLTMFRELGSGKLPLQIEQFERGKTIFFPGDPAERVYLLVKGAVKLSRVYESGEEITVALLRENSVFGVLSLL
TGQRSDRFYHAVAFTPVQLFSVPIEFMQKALIERPELANVMLQGLSSRILQTEMMIETLAHRDMGSRLVSFLLILCRDFG
IPSPDGITIDLKLSHQAIAEAIGSTRVTVTRLLGDLRESKLIAIHKKRITVFNPVALSQQFS
;
A,B
2 'polypeptide(L)'
;MASENYLNHPTFGLLYQICSFGDSKELFATLYAQRLFFLVAFDARGTRFEPIGRNEARMLVDNRLRQLRRDASLQEYNQL
QQVFKQTFL
;
C,D
#
# COMPACT_ATOMS: atom_id res chain seq x y z
N MET A 11 25.09 7.14 -14.69
CA MET A 11 24.92 6.18 -15.77
C MET A 11 23.48 5.69 -15.90
N PHE A 12 22.81 5.43 -14.77
CA PHE A 12 21.43 4.97 -14.80
C PHE A 12 20.59 6.06 -15.46
N ARG A 13 21.12 7.26 -15.39
CA ARG A 13 20.53 8.49 -15.97
C ARG A 13 20.21 8.46 -17.46
N GLU A 14 20.63 7.39 -18.17
CA GLU A 14 20.02 6.82 -19.41
C GLU A 14 18.46 6.78 -19.39
N LEU A 15 17.88 6.80 -18.20
CA LEU A 15 16.44 6.96 -18.02
C LEU A 15 15.99 8.37 -18.45
N GLY A 16 16.82 9.37 -18.21
CA GLY A 16 16.48 10.77 -18.48
C GLY A 16 16.44 11.08 -19.96
N SER A 17 15.79 12.19 -20.32
CA SER A 17 15.75 12.65 -21.72
C SER A 17 15.44 14.14 -21.77
N GLY A 18 15.27 14.69 -22.98
CA GLY A 18 14.78 16.05 -23.14
C GLY A 18 13.45 16.26 -22.43
N LYS A 19 12.55 15.28 -22.54
CA LYS A 19 11.19 15.34 -21.96
C LYS A 19 11.04 14.63 -20.60
N LEU A 20 12.06 13.91 -20.14
CA LEU A 20 12.15 13.46 -18.74
C LEU A 20 13.41 14.07 -18.12
N PRO A 21 13.40 15.38 -17.84
CA PRO A 21 14.61 16.04 -17.41
C PRO A 21 14.85 15.75 -15.93
N LEU A 22 15.19 14.50 -15.64
CA LEU A 22 15.33 14.10 -14.26
C LEU A 22 16.64 14.65 -13.71
N GLN A 23 16.73 14.69 -12.39
CA GLN A 23 17.86 15.29 -11.68
C GLN A 23 18.27 14.36 -10.56
N ILE A 24 19.58 14.28 -10.30
CA ILE A 24 20.14 13.50 -9.22
C ILE A 24 20.13 14.33 -7.96
N GLU A 25 19.67 13.76 -6.86
CA GLU A 25 19.80 14.40 -5.55
C GLU A 25 20.45 13.35 -4.68
N GLN A 26 21.30 13.81 -3.78
CA GLN A 26 21.87 12.98 -2.73
C GLN A 26 21.58 13.62 -1.40
N PHE A 27 21.51 12.78 -0.38
CA PHE A 27 21.22 13.24 0.97
C PHE A 27 22.06 12.46 1.95
N GLU A 28 22.67 13.18 2.87
CA GLU A 28 23.36 12.56 3.97
C GLU A 28 22.34 11.91 4.89
N ARG A 29 22.78 10.93 5.66
CA ARG A 29 21.90 10.22 6.57
C ARG A 29 21.08 11.21 7.40
N GLY A 30 19.78 10.90 7.58
CA GLY A 30 18.90 11.69 8.44
C GLY A 30 18.38 12.97 7.81
N LYS A 31 18.78 13.26 6.57
CA LYS A 31 18.32 14.46 5.89
C LYS A 31 16.95 14.22 5.23
N THR A 32 16.16 15.29 5.20
CA THR A 32 14.78 15.23 4.76
C THR A 32 14.71 15.37 3.26
N ILE A 33 13.93 14.52 2.62
CA ILE A 33 13.75 14.58 1.16
C ILE A 33 12.53 15.44 0.83
N PHE A 34 11.45 15.28 1.59
CA PHE A 34 10.36 16.25 1.63
C PHE A 34 9.66 16.25 3.01
N PHE A 35 9.19 17.43 3.44
CA PHE A 35 8.44 17.56 4.69
C PHE A 35 6.92 17.62 4.40
N PRO A 36 6.08 17.30 5.39
CA PRO A 36 4.66 17.63 5.25
C PRO A 36 4.45 19.11 4.99
N GLY A 37 3.56 19.43 4.06
CA GLY A 37 3.30 20.82 3.72
C GLY A 37 3.98 21.26 2.43
N ASP A 38 5.03 20.54 2.02
CA ASP A 38 5.71 20.86 0.76
C ASP A 38 4.80 20.52 -0.42
N PRO A 39 4.86 21.33 -1.48
CA PRO A 39 4.15 20.98 -2.72
C PRO A 39 4.55 19.62 -3.29
N ALA A 40 3.57 18.87 -3.79
CA ALA A 40 3.83 17.54 -4.32
C ALA A 40 4.23 17.68 -5.80
N GLU A 41 5.37 18.32 -6.01
CA GLU A 41 5.88 18.66 -7.35
C GLU A 41 6.52 17.47 -8.07
N ARG A 42 7.26 16.63 -7.34
CA ARG A 42 8.08 15.58 -7.95
C ARG A 42 7.66 14.12 -7.65
N VAL A 43 8.10 13.22 -8.54
CA VAL A 43 8.11 11.78 -8.31
C VAL A 43 9.56 11.39 -8.12
N TYR A 44 9.80 10.34 -7.35
CA TYR A 44 11.16 9.92 -7.01
C TYR A 44 11.36 8.45 -7.38
N LEU A 45 12.60 8.13 -7.80
CA LEU A 45 13.09 6.75 -7.91
C LEU A 45 14.30 6.62 -7.00
N LEU A 46 14.16 5.85 -5.93
CA LEU A 46 15.28 5.59 -5.05
C LEU A 46 16.33 4.70 -5.76
N VAL A 47 17.56 5.19 -5.85
CA VAL A 47 18.62 4.48 -6.58
C VAL A 47 19.48 3.69 -5.63
N LYS A 48 19.98 4.34 -4.57
CA LYS A 48 20.76 3.63 -3.55
C LYS A 48 20.42 4.14 -2.15
N GLY A 49 20.32 3.22 -1.19
CA GLY A 49 19.97 3.60 0.17
C GLY A 49 18.55 3.22 0.59
N ALA A 50 18.12 3.79 1.70
CA ALA A 50 16.85 3.48 2.31
C ALA A 50 16.17 4.82 2.69
N VAL A 51 14.93 4.98 2.22
CA VAL A 51 14.15 6.15 2.57
C VAL A 51 13.02 5.70 3.49
N LYS A 52 12.87 6.43 4.57
CA LYS A 52 11.78 6.23 5.53
C LYS A 52 10.67 7.27 5.22
N LEU A 53 9.46 6.76 5.04
CA LEU A 53 8.26 7.60 4.91
C LEU A 53 7.51 7.47 6.22
N SER A 54 7.18 8.60 6.84
CA SER A 54 6.55 8.54 8.12
C SER A 54 5.46 9.56 8.22
N ARG A 55 4.59 9.36 9.21
CA ARG A 55 3.57 10.36 9.58
C ARG A 55 3.98 10.93 10.93
N VAL A 56 4.00 12.25 11.00
CA VAL A 56 4.30 12.94 12.24
C VAL A 56 3.00 13.43 12.85
N TYR A 57 2.79 13.14 14.12
CA TYR A 57 1.64 13.63 14.85
C TYR A 57 2.11 14.78 15.73
N GLU A 58 1.16 15.48 16.34
CA GLU A 58 1.45 16.71 17.07
C GLU A 58 2.33 16.47 18.31
N SER A 59 2.23 15.27 18.89
CA SER A 59 3.12 14.86 19.97
C SER A 59 4.63 14.95 19.61
N GLY A 60 4.95 14.85 18.33
CA GLY A 60 6.30 14.57 17.88
C GLY A 60 6.51 13.08 17.71
N GLU A 61 5.49 12.27 18.03
CA GLU A 61 5.51 10.83 17.76
C GLU A 61 5.46 10.59 16.24
N GLU A 62 6.32 9.70 15.79
CA GLU A 62 6.46 9.42 14.39
C GLU A 62 6.03 7.96 14.17
N ILE A 63 5.27 7.72 13.11
CA ILE A 63 4.93 6.39 12.69
C ILE A 63 5.46 6.20 11.31
N THR A 64 6.21 5.12 11.10
CA THR A 64 6.82 4.81 9.82
C THR A 64 5.79 4.11 8.91
N VAL A 65 5.55 4.67 7.76
CA VAL A 65 4.55 4.16 6.83
C VAL A 65 5.20 3.29 5.76
N ALA A 66 6.48 3.52 5.49
CA ALA A 66 7.24 2.69 4.57
C ALA A 66 8.71 2.85 4.83
N LEU A 67 9.43 1.78 4.62
CA LEU A 67 10.88 1.76 4.65
C LEU A 67 11.26 1.24 3.27
N LEU A 68 11.71 2.14 2.40
CA LEU A 68 11.83 1.83 0.98
C LEU A 68 13.24 1.36 0.63
N ARG A 69 13.33 0.37 -0.23
CA ARG A 69 14.63 -0.05 -0.72
C ARG A 69 14.91 0.51 -2.09
N GLU A 70 16.13 0.28 -2.56
CA GLU A 70 16.55 0.67 -3.90
C GLU A 70 15.61 0.16 -4.97
N ASN A 71 15.50 0.92 -6.05
CA ASN A 71 14.48 0.76 -7.10
C ASN A 71 13.04 0.93 -6.64
N SER A 72 12.81 1.68 -5.58
CA SER A 72 11.43 1.99 -5.14
C SER A 72 11.00 3.32 -5.74
N VAL A 73 9.81 3.38 -6.34
CA VAL A 73 9.21 4.64 -6.75
C VAL A 73 8.47 5.24 -5.55
N PHE A 74 8.67 6.53 -5.24
CA PHE A 74 7.86 7.17 -4.17
C PHE A 74 7.57 8.67 -4.43
N GLY A 75 6.75 9.26 -3.54
CA GLY A 75 6.21 10.60 -3.78
C GLY A 75 5.04 10.52 -4.74
N VAL A 76 4.39 9.35 -4.78
CA VAL A 76 3.33 9.09 -5.76
C VAL A 76 2.07 9.99 -5.66
N LEU A 77 1.83 10.67 -4.55
CA LEU A 77 0.73 11.67 -4.48
C LEU A 77 0.82 12.62 -5.65
N SER A 78 2.03 12.96 -6.06
CA SER A 78 2.21 13.85 -7.19
C SER A 78 1.47 13.35 -8.43
N LEU A 79 1.39 12.03 -8.64
CA LEU A 79 0.65 11.47 -9.78
C LEU A 79 -0.86 11.65 -9.71
N LEU A 80 -1.41 12.03 -8.55
CA LEU A 80 -2.85 12.27 -8.42
C LEU A 80 -3.19 13.74 -8.43
N THR A 81 -2.39 14.55 -7.77
CA THR A 81 -2.71 15.98 -7.57
C THR A 81 -1.71 16.96 -8.19
N GLY A 82 -0.48 16.52 -8.33
CA GLY A 82 0.58 17.39 -8.78
C GLY A 82 0.98 18.38 -7.69
N GLN A 83 1.72 19.39 -8.15
CA GLN A 83 2.26 20.49 -7.34
C GLN A 83 1.22 21.25 -6.53
N ARG A 84 -0.05 21.08 -6.87
CA ARG A 84 -1.10 21.83 -6.23
C ARG A 84 -1.25 21.34 -4.79
N SER A 85 -1.31 20.04 -4.57
CA SER A 85 -1.53 19.51 -3.23
C SER A 85 -0.25 19.48 -2.43
N ASP A 86 -0.40 19.31 -1.12
CA ASP A 86 0.71 19.29 -0.18
C ASP A 86 0.96 17.87 0.30
N ARG A 87 2.23 17.58 0.60
CA ARG A 87 2.64 16.30 1.17
C ARG A 87 2.04 16.24 2.55
N PHE A 88 1.71 15.04 2.98
CA PHE A 88 1.38 14.81 4.40
C PHE A 88 2.29 13.82 5.09
N TYR A 89 3.19 13.19 4.34
CA TYR A 89 4.28 12.39 4.92
C TYR A 89 5.65 13.07 4.85
N HIS A 90 6.47 12.73 5.85
CA HIS A 90 7.88 13.03 5.89
C HIS A 90 8.61 11.94 5.15
N ALA A 91 9.35 12.31 4.11
CA ALA A 91 10.32 11.40 3.49
C ALA A 91 11.71 11.78 4.00
N VAL A 92 12.39 10.85 4.68
CA VAL A 92 13.78 11.09 5.15
C VAL A 92 14.78 10.01 4.67
N ALA A 93 16.03 10.44 4.47
CA ALA A 93 17.10 9.51 4.07
C ALA A 93 17.52 8.76 5.32
N PHE A 94 17.14 7.50 5.39
CA PHE A 94 17.35 6.70 6.58
C PHE A 94 18.82 6.33 6.60
N THR A 95 19.34 5.95 5.45
CA THR A 95 20.78 5.89 5.21
C THR A 95 21.13 7.03 4.27
N PRO A 96 22.44 7.22 4.01
CA PRO A 96 22.78 8.00 2.83
C PRO A 96 22.00 7.50 1.63
N VAL A 97 21.54 8.42 0.80
CA VAL A 97 20.61 8.12 -0.27
C VAL A 97 21.02 8.83 -1.54
N GLN A 98 20.83 8.14 -2.65
CA GLN A 98 20.95 8.73 -3.96
C GLN A 98 19.68 8.44 -4.72
N LEU A 99 19.16 9.43 -5.42
CA LEU A 99 17.94 9.23 -6.18
C LEU A 99 17.78 10.16 -7.37
N PHE A 100 16.81 9.84 -8.20
CA PHE A 100 16.44 10.67 -9.33
C PHE A 100 15.10 11.27 -9.01
N SER A 101 15.00 12.55 -9.31
CA SER A 101 13.80 13.35 -9.15
C SER A 101 13.35 13.77 -10.54
N VAL A 102 12.03 13.88 -10.73
CA VAL A 102 11.48 14.62 -11.85
C VAL A 102 10.15 15.26 -11.51
N PRO A 103 10.01 16.54 -11.91
CA PRO A 103 8.72 17.19 -11.74
C PRO A 103 7.70 16.41 -12.54
N ILE A 104 6.52 16.23 -11.97
CA ILE A 104 5.56 15.29 -12.51
C ILE A 104 4.89 15.72 -13.81
N GLU A 105 4.83 17.02 -14.07
CA GLU A 105 4.21 17.48 -15.30
C GLU A 105 4.93 16.93 -16.53
N PHE A 106 6.23 16.64 -16.40
CA PHE A 106 7.04 16.14 -17.52
C PHE A 106 6.71 14.70 -17.91
N MET A 107 5.88 14.01 -17.11
CA MET A 107 5.57 12.58 -17.37
C MET A 107 4.70 12.32 -18.61
N GLN A 108 3.64 13.10 -18.81
CA GLN A 108 2.74 12.87 -19.93
CA GLN A 108 2.75 12.90 -19.96
C GLN A 108 3.54 12.73 -21.24
N LYS A 109 4.30 13.78 -21.60
CA LYS A 109 5.07 13.78 -22.85
C LYS A 109 6.23 12.80 -22.84
N ALA A 110 6.75 12.48 -21.65
CA ALA A 110 7.73 11.39 -21.50
C ALA A 110 7.14 10.04 -21.94
N LEU A 111 6.01 9.67 -21.33
CA LEU A 111 5.34 8.40 -21.64
C LEU A 111 4.95 8.28 -23.11
N ILE A 112 4.39 9.34 -23.68
CA ILE A 112 4.04 9.32 -25.10
C ILE A 112 5.24 8.94 -25.99
N GLU A 113 6.44 9.36 -25.58
CA GLU A 113 7.63 9.16 -26.40
C GLU A 113 8.32 7.80 -26.14
N ARG A 114 8.48 7.43 -24.88
CA ARG A 114 9.00 6.10 -24.55
C ARG A 114 7.97 5.34 -23.69
N PRO A 115 6.95 4.73 -24.33
CA PRO A 115 5.85 4.08 -23.58
C PRO A 115 6.31 2.88 -22.73
N GLU A 116 7.52 2.39 -23.02
CA GLU A 116 8.26 1.47 -22.14
C GLU A 116 8.37 2.06 -20.73
N LEU A 117 8.29 3.38 -20.60
CA LEU A 117 8.33 4.00 -19.27
C LEU A 117 7.09 3.70 -18.41
N ALA A 118 5.93 3.53 -19.09
CA ALA A 118 4.61 3.34 -18.44
C ALA A 118 4.53 2.00 -17.73
N ASN A 119 4.85 0.95 -18.48
CA ASN A 119 4.98 -0.39 -17.94
C ASN A 119 6.00 -0.45 -16.81
N VAL A 120 7.19 0.09 -16.99
CA VAL A 120 8.15 0.09 -15.89
C VAL A 120 7.51 0.73 -14.65
N MET A 121 6.78 1.81 -14.88
CA MET A 121 6.16 2.61 -13.83
C MET A 121 5.03 1.83 -13.15
N LEU A 122 4.17 1.23 -13.96
CA LEU A 122 3.12 0.38 -13.46
C LEU A 122 3.62 -0.77 -12.58
N GLN A 123 4.75 -1.34 -12.95
CA GLN A 123 5.34 -2.39 -12.17
C GLN A 123 5.82 -1.87 -10.85
N GLY A 124 6.48 -0.72 -10.88
CA GLY A 124 7.04 -0.11 -9.70
C GLY A 124 6.00 0.29 -8.68
N LEU A 125 4.84 0.75 -9.16
CA LEU A 125 3.75 1.12 -8.28
C LEU A 125 3.04 -0.13 -7.76
N SER A 126 2.87 -1.12 -8.62
CA SER A 126 2.31 -2.41 -8.22
C SER A 126 3.13 -3.01 -7.07
N SER A 127 4.44 -2.91 -7.20
CA SER A 127 5.35 -3.43 -6.19
C SER A 127 5.14 -2.71 -4.87
N ARG A 128 5.12 -1.37 -4.90
CA ARG A 128 4.73 -0.57 -3.69
C ARG A 128 3.45 -1.06 -2.98
N ILE A 129 2.42 -1.35 -3.76
CA ILE A 129 1.15 -1.87 -3.23
C ILE A 129 1.36 -3.18 -2.49
N LEU A 130 2.06 -4.12 -3.12
CA LEU A 130 2.34 -5.40 -2.47
C LEU A 130 3.21 -5.24 -1.22
N GLN A 131 4.19 -4.34 -1.23
CA GLN A 131 5.02 -4.11 -0.04
C GLN A 131 4.21 -3.52 1.14
N THR A 132 3.41 -2.49 0.88
CA THR A 132 2.57 -1.94 1.97
C THR A 132 1.56 -2.95 2.52
N GLU A 133 1.00 -3.79 1.64
CA GLU A 133 0.10 -4.85 2.08
C GLU A 133 0.80 -5.85 2.98
N MET A 134 2.08 -6.10 2.72
CA MET A 134 2.84 -6.97 3.62
C MET A 134 3.07 -6.36 4.97
N MET A 135 3.25 -5.04 5.04
CA MET A 135 3.32 -4.37 6.35
C MET A 135 1.98 -4.41 7.10
N ILE A 136 0.90 -4.30 6.35
CA ILE A 136 -0.43 -4.49 6.92
C ILE A 136 -0.54 -5.88 7.57
N GLU A 137 -0.10 -6.92 6.86
CA GLU A 137 -0.02 -8.29 7.40
C GLU A 137 0.78 -8.36 8.68
N THR A 138 1.91 -7.68 8.67
CA THR A 138 2.81 -7.58 9.80
C THR A 138 2.13 -6.95 11.00
N LEU A 139 1.56 -5.78 10.78
CA LEU A 139 0.87 -5.04 11.84
C LEU A 139 -0.43 -5.68 12.30
N ALA A 140 -1.05 -6.48 11.45
CA ALA A 140 -2.31 -7.13 11.86
C ALA A 140 -2.09 -8.24 12.88
N HIS A 141 -0.87 -8.73 13.04
CA HIS A 141 -0.60 -9.74 14.07
C HIS A 141 -0.84 -9.17 15.47
N ARG A 142 -1.59 -9.92 16.28
CA ARG A 142 -1.81 -9.57 17.66
C ARG A 142 -0.61 -9.94 18.56
N ASP A 143 0.02 -11.08 18.31
CA ASP A 143 1.24 -11.45 19.04
C ASP A 143 2.36 -10.49 18.61
N MET A 144 2.87 -9.71 19.58
CA MET A 144 3.87 -8.67 19.30
C MET A 144 5.20 -9.22 18.83
N GLY A 145 5.50 -10.44 19.25
CA GLY A 145 6.70 -11.14 18.80
C GLY A 145 6.59 -11.59 17.36
N SER A 146 5.39 -12.06 16.99
CA SER A 146 5.06 -12.46 15.62
C SER A 146 5.19 -11.27 14.72
N ARG A 147 4.71 -10.16 15.22
CA ARG A 147 4.81 -8.93 14.49
C ARG A 147 6.28 -8.52 14.31
N LEU A 148 7.12 -8.63 15.34
CA LEU A 148 8.54 -8.31 15.18
C LEU A 148 9.20 -9.26 14.17
N VAL A 149 9.00 -10.56 14.32
CA VAL A 149 9.64 -11.50 13.41
C VAL A 149 9.25 -11.18 11.98
N SER A 150 7.95 -10.97 11.75
CA SER A 150 7.47 -10.70 10.42
C SER A 150 8.13 -9.46 9.85
N PHE A 151 8.25 -8.42 10.66
CA PHE A 151 8.97 -7.24 10.23
C PHE A 151 10.47 -7.51 9.90
N LEU A 152 11.14 -8.27 10.75
CA LEU A 152 12.54 -8.59 10.52
C LEU A 152 12.69 -9.45 9.27
N LEU A 153 11.71 -10.32 9.01
CA LEU A 153 11.70 -11.10 7.75
C LEU A 153 11.55 -10.18 6.52
N ILE A 154 10.75 -9.13 6.64
CA ILE A 154 10.67 -8.12 5.60
C ILE A 154 11.98 -7.35 5.48
N LEU A 155 12.65 -7.02 6.59
CA LEU A 155 13.94 -6.35 6.46
C LEU A 155 14.99 -7.26 5.82
N CYS A 156 14.94 -8.57 6.13
CA CYS A 156 15.86 -9.51 5.45
C CYS A 156 15.64 -9.46 3.93
N ARG A 157 14.37 -9.46 3.51
CA ARG A 157 14.04 -9.42 2.10
C ARG A 157 14.54 -8.14 1.44
N ASP A 158 14.32 -7.01 2.09
CA ASP A 158 14.59 -5.71 1.49
C ASP A 158 16.04 -5.28 1.63
N PHE A 159 16.65 -5.59 2.78
CA PHE A 159 17.96 -5.07 3.12
C PHE A 159 18.98 -6.12 3.57
N GLY A 160 18.68 -7.39 3.42
CA GLY A 160 19.55 -8.44 3.97
C GLY A 160 20.76 -8.78 3.15
N ILE A 161 21.85 -9.20 3.84
CA ILE A 161 23.10 -9.63 3.21
C ILE A 161 23.42 -11.03 3.75
N PRO A 162 23.82 -11.96 2.87
CA PRO A 162 24.21 -13.24 3.40
C PRO A 162 25.45 -13.07 4.27
N SER A 163 25.49 -13.80 5.38
CA SER A 163 26.56 -13.62 6.31
C SER A 163 26.81 -14.98 6.93
N PRO A 164 27.96 -15.15 7.58
CA PRO A 164 28.29 -16.53 7.96
C PRO A 164 27.14 -17.28 8.66
N ASP A 165 26.40 -16.55 9.48
CA ASP A 165 25.41 -17.10 10.40
C ASP A 165 23.96 -17.08 9.87
N GLY A 166 23.68 -16.26 8.86
CA GLY A 166 22.36 -16.28 8.22
C GLY A 166 22.20 -15.11 7.28
N ILE A 167 21.12 -14.34 7.47
CA ILE A 167 20.96 -13.08 6.78
C ILE A 167 21.06 -11.97 7.82
N THR A 168 21.94 -11.03 7.53
CA THR A 168 22.16 -9.86 8.34
C THR A 168 21.37 -8.76 7.69
N ILE A 169 20.54 -8.07 8.45
CA ILE A 169 19.80 -6.94 7.96
C ILE A 169 20.77 -5.77 7.87
N ASP A 170 21.10 -5.35 6.65
CA ASP A 170 22.17 -4.37 6.45
C ASP A 170 21.69 -2.96 6.75
N LEU A 171 21.26 -2.74 7.98
CA LEU A 171 20.73 -1.47 8.48
C LEU A 171 21.13 -1.44 9.93
N LYS A 172 21.56 -0.28 10.39
CA LYS A 172 21.84 -0.10 11.80
C LYS A 172 20.54 0.40 12.42
N LEU A 173 19.90 -0.43 13.24
CA LEU A 173 18.51 -0.19 13.68
C LEU A 173 18.41 0.11 15.16
N SER A 174 17.90 1.28 15.49
CA SER A 174 17.60 1.60 16.86
C SER A 174 16.30 0.89 17.23
N HIS A 175 16.14 0.60 18.51
CA HIS A 175 14.96 -0.07 18.99
C HIS A 175 13.73 0.86 18.81
N GLN A 176 13.99 2.16 18.84
CA GLN A 176 13.00 3.19 18.53
C GLN A 176 12.53 3.12 17.08
N ALA A 177 13.48 3.00 16.13
CA ALA A 177 13.15 2.93 14.70
C ALA A 177 12.29 1.70 14.42
N ILE A 178 12.62 0.61 15.06
CA ILE A 178 11.79 -0.60 14.98
C ILE A 178 10.40 -0.37 15.61
N ALA A 179 10.37 0.30 16.76
CA ALA A 179 9.15 0.56 17.51
C ALA A 179 8.19 1.34 16.62
N GLU A 180 8.72 2.35 15.96
CA GLU A 180 7.94 3.21 15.10
C GLU A 180 7.44 2.51 13.84
N ALA A 181 8.02 1.37 13.49
CA ALA A 181 7.59 0.64 12.29
C ALA A 181 6.61 -0.50 12.59
N ILE A 182 6.55 -0.97 13.83
CA ILE A 182 5.62 -2.03 14.18
C ILE A 182 4.55 -1.58 15.19
N GLY A 183 4.37 -0.28 15.35
CA GLY A 183 3.36 0.23 16.29
C GLY A 183 3.57 -0.30 17.69
N SER A 184 4.82 -0.34 18.13
CA SER A 184 5.14 -0.71 19.51
C SER A 184 5.89 0.36 20.24
N THR A 185 6.40 0.02 21.41
CA THR A 185 7.24 0.92 22.18
C THR A 185 8.68 0.43 22.18
N ARG A 186 9.60 1.35 22.37
CA ARG A 186 11.02 1.07 22.50
C ARG A 186 11.28 -0.03 23.54
N VAL A 187 10.67 0.09 24.72
CA VAL A 187 10.80 -0.90 25.81
C VAL A 187 10.37 -2.31 25.40
N THR A 188 9.32 -2.41 24.58
CA THR A 188 8.78 -3.71 24.20
C THR A 188 9.61 -4.31 23.10
N VAL A 189 10.24 -3.46 22.31
CA VAL A 189 11.16 -3.98 21.30
C VAL A 189 12.40 -4.62 21.93
N THR A 190 13.00 -3.93 22.90
CA THR A 190 14.19 -4.40 23.60
C THR A 190 13.95 -5.79 24.19
N ARG A 191 12.89 -5.91 24.97
CA ARG A 191 12.51 -7.18 25.57
C ARG A 191 12.36 -8.28 24.51
N LEU A 192 11.70 -7.97 23.39
CA LEU A 192 11.39 -9.02 22.41
C LEU A 192 12.65 -9.41 21.63
N LEU A 193 13.49 -8.44 21.31
CA LEU A 193 14.79 -8.76 20.72
C LEU A 193 15.60 -9.66 21.70
N GLY A 194 15.59 -9.30 22.97
CA GLY A 194 16.26 -10.12 23.99
C GLY A 194 15.81 -11.58 24.00
N ASP A 195 14.49 -11.79 23.89
CA ASP A 195 13.89 -13.13 23.84
C ASP A 195 14.35 -13.88 22.61
N LEU A 196 14.37 -13.17 21.48
CA LEU A 196 14.80 -13.77 20.22
C LEU A 196 16.24 -14.24 20.25
N ARG A 197 17.13 -13.41 20.81
CA ARG A 197 18.53 -13.79 21.03
C ARG A 197 18.64 -14.98 21.96
N GLU A 198 17.91 -14.96 23.06
CA GLU A 198 17.95 -16.07 24.04
C GLU A 198 17.42 -17.37 23.41
N SER A 199 16.47 -17.27 22.49
CA SER A 199 15.99 -18.45 21.76
C SER A 199 16.91 -18.87 20.63
N LYS A 200 18.02 -18.15 20.44
CA LYS A 200 19.00 -18.45 19.40
C LYS A 200 18.38 -18.36 18.00
N LEU A 201 17.50 -17.37 17.79
CA LEU A 201 16.90 -17.11 16.48
C LEU A 201 17.57 -15.94 15.74
N ILE A 202 18.10 -14.98 16.50
CA ILE A 202 18.86 -13.87 15.95
C ILE A 202 20.18 -13.66 16.72
N ALA A 203 21.12 -12.96 16.10
CA ALA A 203 22.27 -12.40 16.81
C ALA A 203 22.23 -10.89 16.60
N ILE A 204 22.85 -10.14 17.50
CA ILE A 204 22.95 -8.68 17.35
C ILE A 204 24.41 -8.24 17.53
N HIS A 205 24.92 -7.52 16.54
CA HIS A 205 26.29 -7.00 16.56
CA HIS A 205 26.28 -6.97 16.58
C HIS A 205 26.29 -5.62 15.89
N LYS A 206 26.77 -4.61 16.62
CA LYS A 206 26.86 -3.23 16.14
C LYS A 206 25.55 -2.64 15.61
N LYS A 207 24.45 -2.99 16.28
CA LYS A 207 23.09 -2.56 15.91
C LYS A 207 22.59 -3.19 14.61
N ARG A 208 23.31 -4.20 14.14
CA ARG A 208 22.81 -5.03 13.06
C ARG A 208 22.27 -6.38 13.54
N ILE A 209 21.05 -6.67 13.12
CA ILE A 209 20.39 -7.91 13.48
C ILE A 209 20.65 -8.93 12.41
N THR A 210 21.14 -10.10 12.80
CA THR A 210 21.30 -11.23 11.91
C THR A 210 20.22 -12.23 12.26
N VAL A 211 19.44 -12.66 11.26
CA VAL A 211 18.41 -13.70 11.44
C VAL A 211 18.97 -15.01 10.90
N PHE A 212 19.06 -16.02 11.77
CA PHE A 212 19.87 -17.20 11.46
C PHE A 212 19.29 -18.10 10.37
N ASN A 213 17.97 -18.32 10.40
CA ASN A 213 17.32 -19.15 9.39
C ASN A 213 16.02 -18.51 8.93
N PRO A 214 16.12 -17.39 8.22
CA PRO A 214 14.92 -16.65 7.82
C PRO A 214 13.90 -17.49 7.00
N VAL A 215 14.38 -18.42 6.17
CA VAL A 215 13.48 -19.29 5.40
C VAL A 215 12.66 -20.13 6.34
N ALA A 216 13.30 -20.82 7.27
CA ALA A 216 12.58 -21.71 8.18
C ALA A 216 11.64 -20.93 9.12
N LEU A 217 12.03 -19.72 9.52
CA LEU A 217 11.17 -18.86 10.35
C LEU A 217 9.89 -18.49 9.62
N SER A 218 10.00 -18.17 8.33
CA SER A 218 8.85 -17.72 7.57
C SER A 218 7.81 -18.84 7.43
N GLN A 219 8.27 -20.10 7.39
CA GLN A 219 7.36 -21.21 7.25
CA GLN A 219 7.40 -21.29 7.31
C GLN A 219 6.37 -21.31 8.43
N GLN A 220 6.75 -20.73 9.57
CA GLN A 220 5.91 -20.74 10.78
CA GLN A 220 5.92 -20.74 10.77
C GLN A 220 4.84 -19.64 10.74
N PHE A 221 4.67 -18.97 9.60
CA PHE A 221 3.69 -17.88 9.44
C PHE A 221 2.58 -18.17 8.42
N SER A 222 2.40 -19.42 7.99
CA SER A 222 1.68 -19.68 6.73
C SER A 222 0.16 -19.72 6.84
N MET B 11 -22.50 -0.16 -20.45
CA MET B 11 -22.11 0.57 -19.26
C MET B 11 -20.89 1.44 -19.53
N PHE B 12 -19.95 1.44 -18.58
CA PHE B 12 -18.72 2.21 -18.70
C PHE B 12 -17.77 1.43 -19.60
N ARG B 13 -18.26 0.29 -20.04
CA ARG B 13 -17.56 -0.61 -20.97
C ARG B 13 -17.06 0.00 -22.28
N GLU B 14 -17.36 1.29 -22.54
CA GLU B 14 -16.59 2.30 -23.33
C GLU B 14 -15.06 2.29 -23.06
N LEU B 15 -14.65 1.77 -21.90
CA LEU B 15 -13.25 1.49 -21.58
C LEU B 15 -12.69 0.36 -22.46
N GLY B 16 -13.53 -0.63 -22.79
CA GLY B 16 -13.10 -1.81 -23.54
C GLY B 16 -12.80 -1.48 -24.99
N SER B 17 -12.08 -2.38 -25.67
CA SER B 17 -11.83 -2.23 -27.11
C SER B 17 -11.49 -3.59 -27.73
N GLY B 18 -11.10 -3.60 -29.01
CA GLY B 18 -10.55 -4.79 -29.63
C GLY B 18 -9.33 -5.33 -28.87
N LYS B 19 -8.46 -4.42 -28.44
CA LYS B 19 -7.21 -4.75 -27.74
C LYS B 19 -7.27 -4.67 -26.20
N LEU B 20 -8.38 -4.14 -25.64
CA LEU B 20 -8.70 -4.31 -24.21
C LEU B 20 -10.04 -5.07 -24.10
N PRO B 21 -10.00 -6.39 -24.35
CA PRO B 21 -11.25 -7.12 -24.43
C PRO B 21 -11.73 -7.44 -23.02
N LEU B 22 -12.14 -6.41 -22.30
CA LEU B 22 -12.50 -6.60 -20.92
C LEU B 22 -13.86 -7.28 -20.84
N GLN B 23 -14.17 -7.84 -19.69
CA GLN B 23 -15.37 -8.64 -19.47
C GLN B 23 -15.97 -8.21 -18.13
N ILE B 24 -17.30 -8.23 -18.07
CA ILE B 24 -18.04 -7.93 -16.85
C ILE B 24 -18.17 -9.22 -16.06
N GLU B 25 -17.92 -9.14 -14.76
CA GLU B 25 -18.23 -10.24 -13.86
C GLU B 25 -19.05 -9.62 -12.74
N GLN B 26 -20.00 -10.39 -12.25
CA GLN B 26 -20.76 -10.04 -11.07
C GLN B 26 -20.66 -11.17 -10.09
N PHE B 27 -20.79 -10.81 -8.82
CA PHE B 27 -20.70 -11.79 -7.75
C PHE B 27 -21.69 -11.45 -6.68
N GLU B 28 -22.40 -12.46 -6.23
CA GLU B 28 -23.27 -12.32 -5.08
C GLU B 28 -22.41 -12.12 -3.82
N ARG B 29 -22.99 -11.53 -2.79
CA ARG B 29 -22.29 -11.28 -1.55
C ARG B 29 -21.58 -12.55 -1.09
N GLY B 30 -20.34 -12.39 -0.62
CA GLY B 30 -19.57 -13.48 -0.03
C GLY B 30 -18.95 -14.43 -1.03
N LYS B 31 -19.12 -14.17 -2.32
CA LYS B 31 -18.52 -15.00 -3.35
C LYS B 31 -17.08 -14.55 -3.64
N THR B 32 -16.26 -15.55 -3.97
CA THR B 32 -14.84 -15.36 -4.15
C THR B 32 -14.56 -14.88 -5.55
N ILE B 33 -13.72 -13.86 -5.67
CA ILE B 33 -13.30 -13.33 -6.97
C ILE B 33 -12.00 -14.04 -7.43
N PHE B 34 -11.05 -14.21 -6.51
CA PHE B 34 -9.95 -15.16 -6.70
C PHE B 34 -9.48 -15.74 -5.37
N PHE B 35 -9.03 -17.00 -5.38
CA PHE B 35 -8.46 -17.67 -4.19
C PHE B 35 -6.92 -17.66 -4.24
N PRO B 36 -6.27 -17.83 -3.08
CA PRO B 36 -4.82 -18.11 -3.12
C PRO B 36 -4.51 -19.34 -3.92
N GLY B 37 -3.50 -19.28 -4.77
CA GLY B 37 -3.14 -20.41 -5.60
C GLY B 37 -3.60 -20.26 -7.04
N ASP B 38 -4.61 -19.41 -7.29
CA ASP B 38 -5.08 -19.17 -8.65
C ASP B 38 -4.03 -18.40 -9.45
N PRO B 39 -3.90 -18.70 -10.74
CA PRO B 39 -3.00 -17.93 -11.59
C PRO B 39 -3.35 -16.44 -11.62
N ALA B 40 -2.34 -15.58 -11.61
CA ALA B 40 -2.56 -14.14 -11.58
C ALA B 40 -2.73 -13.65 -13.03
N GLU B 41 -3.81 -14.13 -13.64
CA GLU B 41 -4.09 -13.87 -15.07
C GLU B 41 -4.64 -12.47 -15.33
N ARG B 42 -5.49 -11.98 -14.44
CA ARG B 42 -6.25 -10.74 -14.69
C ARG B 42 -5.91 -9.54 -13.80
N VAL B 43 -6.26 -8.35 -14.30
CA VAL B 43 -6.35 -7.12 -13.51
C VAL B 43 -7.83 -6.81 -13.39
N TYR B 44 -8.21 -6.15 -12.30
CA TYR B 44 -9.62 -5.84 -12.03
C TYR B 44 -9.85 -4.34 -11.79
N LEU B 45 -10.99 -3.84 -12.26
CA LEU B 45 -11.50 -2.53 -11.87
C LEU B 45 -12.84 -2.76 -11.19
N LEU B 46 -12.90 -2.49 -9.89
CA LEU B 46 -14.14 -2.58 -9.15
C LEU B 46 -15.10 -1.46 -9.61
N VAL B 47 -16.29 -1.82 -10.05
CA VAL B 47 -17.23 -0.83 -10.58
C VAL B 47 -18.26 -0.46 -9.54
N LYS B 48 -18.88 -1.45 -8.92
CA LYS B 48 -19.84 -1.20 -7.83
C LYS B 48 -19.73 -2.24 -6.72
N GLY B 49 -19.78 -1.79 -5.48
CA GLY B 49 -19.63 -2.69 -4.35
C GLY B 49 -18.30 -2.57 -3.61
N ALA B 50 -18.03 -3.57 -2.78
CA ALA B 50 -16.90 -3.58 -1.90
C ALA B 50 -16.26 -4.97 -2.00
N VAL B 51 -14.95 -4.98 -2.29
CA VAL B 51 -14.16 -6.19 -2.35
C VAL B 51 -13.20 -6.19 -1.16
N LYS B 52 -13.21 -7.29 -0.45
CA LYS B 52 -12.29 -7.53 0.67
C LYS B 52 -11.13 -8.40 0.13
N LEU B 53 -9.91 -7.92 0.36
CA LEU B 53 -8.69 -8.67 0.08
C LEU B 53 -8.17 -9.10 1.44
N SER B 54 -7.86 -10.38 1.58
CA SER B 54 -7.44 -10.88 2.86
C SER B 54 -6.34 -11.89 2.70
N ARG B 55 -5.62 -12.13 3.80
CA ARG B 55 -4.64 -13.22 3.89
C ARG B 55 -5.21 -14.29 4.82
N VAL B 56 -5.20 -15.52 4.34
CA VAL B 56 -5.69 -16.64 5.12
C VAL B 56 -4.49 -17.39 5.67
N TYR B 57 -4.48 -17.64 6.97
CA TYR B 57 -3.44 -18.40 7.61
C TYR B 57 -3.99 -19.81 7.87
N GLU B 58 -3.11 -20.73 8.27
CA GLU B 58 -3.49 -22.14 8.40
C GLU B 58 -4.55 -22.39 9.49
N SER B 59 -4.59 -21.53 10.49
CA SER B 59 -5.66 -21.58 11.49
C SER B 59 -7.09 -21.47 10.90
N GLY B 60 -7.20 -20.83 9.74
CA GLY B 60 -8.49 -20.35 9.25
C GLY B 60 -8.70 -18.90 9.67
N GLU B 61 -7.76 -18.33 10.44
CA GLU B 61 -7.80 -16.91 10.78
C GLU B 61 -7.53 -16.08 9.52
N GLU B 62 -8.35 -15.05 9.33
CA GLU B 62 -8.26 -14.22 8.17
C GLU B 62 -7.87 -12.82 8.62
N ILE B 63 -6.95 -12.19 7.88
CA ILE B 63 -6.58 -10.82 8.11
C ILE B 63 -6.91 -10.04 6.86
N THR B 64 -7.65 -8.95 7.00
CA THR B 64 -8.06 -8.12 5.86
C THR B 64 -6.95 -7.13 5.49
N VAL B 65 -6.51 -7.21 4.25
CA VAL B 65 -5.39 -6.42 3.78
C VAL B 65 -5.91 -5.19 3.09
N ALA B 66 -7.11 -5.25 2.54
CA ALA B 66 -7.74 -4.08 1.90
C ALA B 66 -9.22 -4.30 1.85
N LEU B 67 -9.94 -3.20 2.00
CA LEU B 67 -11.37 -3.14 1.82
C LEU B 67 -11.55 -2.10 0.71
N LEU B 68 -11.83 -2.54 -0.50
CA LEU B 68 -11.76 -1.68 -1.65
C LEU B 68 -13.13 -1.09 -2.02
N ARG B 69 -13.14 0.18 -2.38
CA ARG B 69 -14.35 0.80 -2.86
C ARG B 69 -14.40 0.87 -4.38
N GLU B 70 -15.54 1.32 -4.88
CA GLU B 70 -15.74 1.51 -6.31
C GLU B 70 -14.64 2.37 -6.92
N ASN B 71 -14.36 2.11 -8.18
CA ASN B 71 -13.20 2.65 -8.92
C ASN B 71 -11.86 2.27 -8.37
N SER B 72 -11.77 1.14 -7.68
CA SER B 72 -10.46 0.63 -7.20
C SER B 72 -9.89 -0.34 -8.22
N VAL B 73 -8.61 -0.20 -8.57
CA VAL B 73 -7.93 -1.20 -9.37
C VAL B 73 -7.32 -2.26 -8.43
N PHE B 74 -7.54 -3.56 -8.70
CA PHE B 74 -6.90 -4.62 -7.88
C PHE B 74 -6.52 -5.90 -8.65
N GLY B 75 -5.85 -6.82 -7.96
CA GLY B 75 -5.20 -7.96 -8.61
C GLY B 75 -3.92 -7.52 -9.30
N VAL B 76 -3.30 -6.47 -8.76
CA VAL B 76 -2.11 -5.87 -9.37
C VAL B 76 -0.85 -6.75 -9.47
N LEU B 77 -0.75 -7.83 -8.71
CA LEU B 77 0.37 -8.79 -8.88
C LEU B 77 0.49 -9.21 -10.33
N SER B 78 -0.64 -9.32 -11.03
CA SER B 78 -0.63 -9.67 -12.44
C SER B 78 0.27 -8.72 -13.25
N LEU B 79 0.33 -7.44 -12.88
CA LEU B 79 1.22 -6.50 -13.57
C LEU B 79 2.71 -6.76 -13.37
N LEU B 80 3.09 -7.57 -12.39
CA LEU B 80 4.50 -7.88 -12.14
C LEU B 80 4.87 -9.23 -12.71
N THR B 81 4.02 -10.23 -12.53
CA THR B 81 4.35 -11.61 -12.89
C THR B 81 3.48 -12.22 -13.99
N GLY B 82 2.27 -11.73 -14.11
CA GLY B 82 1.32 -12.31 -15.04
C GLY B 82 0.80 -13.64 -14.55
N GLN B 83 0.18 -14.35 -15.48
CA GLN B 83 -0.43 -15.66 -15.29
C GLN B 83 0.49 -16.72 -14.70
N ARG B 84 1.79 -16.46 -14.74
CA ARG B 84 2.76 -17.44 -14.28
C ARG B 84 2.68 -17.59 -12.77
N SER B 85 2.65 -16.49 -12.04
CA SER B 85 2.64 -16.57 -10.59
C SER B 85 1.25 -16.80 -10.04
N ASP B 86 1.21 -17.20 -8.77
CA ASP B 86 -0.04 -17.53 -8.09
C ASP B 86 -0.39 -16.41 -7.14
N ARG B 87 -1.70 -16.24 -6.93
CA ARG B 87 -2.22 -15.30 -5.95
C ARG B 87 -1.84 -15.81 -4.59
N PHE B 88 -1.65 -14.88 -3.66
CA PHE B 88 -1.55 -15.27 -2.26
C PHE B 88 -2.60 -14.62 -1.38
N TYR B 89 -3.38 -13.70 -1.94
CA TYR B 89 -4.58 -13.16 -1.26
C TYR B 89 -5.90 -13.71 -1.80
N HIS B 90 -6.86 -13.78 -0.89
CA HIS B 90 -8.25 -14.04 -1.19
C HIS B 90 -8.91 -12.71 -1.52
N ALA B 91 -9.46 -12.61 -2.73
CA ALA B 91 -10.36 -11.50 -3.08
C ALA B 91 -11.80 -12.01 -2.97
N VAL B 92 -12.61 -11.41 -2.09
CA VAL B 92 -14.03 -11.76 -1.98
C VAL B 92 -14.97 -10.56 -2.13
N ALA B 93 -16.17 -10.82 -2.64
CA ALA B 93 -17.18 -9.77 -2.78
C ALA B 93 -17.82 -9.58 -1.42
N PHE B 94 -17.49 -8.47 -0.79
CA PHE B 94 -17.92 -8.22 0.58
C PHE B 94 -19.39 -7.85 0.52
N THR B 95 -19.73 -7.01 -0.45
CA THR B 95 -21.13 -6.81 -0.88
C THR B 95 -21.30 -7.46 -2.25
N PRO B 96 -22.53 -7.46 -2.76
CA PRO B 96 -22.66 -7.71 -4.19
C PRO B 96 -21.70 -6.79 -4.94
N VAL B 97 -21.11 -7.31 -5.99
CA VAL B 97 -20.07 -6.64 -6.70
C VAL B 97 -20.28 -6.75 -8.20
N GLN B 98 -19.94 -5.66 -8.88
CA GLN B 98 -19.82 -5.67 -10.33
C GLN B 98 -18.46 -5.13 -10.68
N LEU B 99 -17.78 -5.79 -11.63
CA LEU B 99 -16.48 -5.33 -12.05
C LEU B 99 -16.11 -5.72 -13.47
N PHE B 100 -15.04 -5.10 -13.95
CA PHE B 100 -14.49 -5.42 -15.25
C PHE B 100 -13.18 -6.12 -15.00
N SER B 101 -12.99 -7.18 -15.75
CA SER B 101 -11.80 -8.01 -15.77
C SER B 101 -11.13 -7.87 -17.12
N VAL B 102 -9.80 -7.89 -17.14
CA VAL B 102 -9.05 -8.14 -18.37
C VAL B 102 -7.77 -8.92 -18.12
N PRO B 103 -7.53 -9.94 -18.97
CA PRO B 103 -6.27 -10.65 -18.88
C PRO B 103 -5.14 -9.66 -19.14
N ILE B 104 -4.07 -9.76 -18.36
CA ILE B 104 -3.07 -8.72 -18.32
C ILE B 104 -2.20 -8.60 -19.57
N GLU B 105 -2.05 -9.68 -20.31
CA GLU B 105 -1.24 -9.63 -21.52
C GLU B 105 -1.78 -8.58 -22.48
N PHE B 106 -3.09 -8.35 -22.45
CA PHE B 106 -3.74 -7.41 -23.39
C PHE B 106 -3.41 -5.95 -23.11
N MET B 107 -2.72 -5.66 -22.00
CA MET B 107 -2.44 -4.27 -21.61
C MET B 107 -1.39 -3.55 -22.50
N GLN B 108 -0.30 -4.22 -22.84
CA GLN B 108 0.76 -3.58 -23.62
CA GLN B 108 0.76 -3.60 -23.65
C GLN B 108 0.16 -2.90 -24.86
N LYS B 109 -0.50 -3.67 -25.72
CA LYS B 109 -1.08 -3.15 -26.95
C LYS B 109 -2.28 -2.22 -26.72
N ALA B 110 -2.96 -2.39 -25.60
CA ALA B 110 -3.98 -1.42 -25.17
C ALA B 110 -3.39 -0.03 -24.92
N LEU B 111 -2.36 0.03 -24.08
CA LEU B 111 -1.69 1.27 -23.72
C LEU B 111 -1.08 1.97 -24.94
N ILE B 112 -0.41 1.21 -25.80
CA ILE B 112 0.16 1.79 -27.02
C ILE B 112 -0.90 2.53 -27.84
N GLU B 113 -2.13 2.02 -27.84
CA GLU B 113 -3.21 2.58 -28.68
C GLU B 113 -3.97 3.73 -27.99
N ARG B 114 -4.33 3.57 -26.73
CA ARG B 114 -4.94 4.68 -25.97
C ARG B 114 -4.08 4.98 -24.74
N PRO B 115 -2.99 5.77 -24.90
CA PRO B 115 -2.05 6.05 -23.80
C PRO B 115 -2.68 6.80 -22.62
N GLU B 116 -3.84 7.42 -22.87
CA GLU B 116 -4.73 7.92 -21.82
C GLU B 116 -5.04 6.81 -20.80
N LEU B 117 -4.93 5.54 -21.21
CA LEU B 117 -5.15 4.43 -20.26
C LEU B 117 -4.06 4.32 -19.19
N ALA B 118 -2.83 4.71 -19.55
CA ALA B 118 -1.63 4.58 -18.69
C ALA B 118 -1.69 5.50 -17.48
N ASN B 119 -1.94 6.77 -17.77
CA ASN B 119 -2.21 7.79 -16.77
C ASN B 119 -3.38 7.43 -15.89
N VAL B 120 -4.52 7.05 -16.46
CA VAL B 120 -5.63 6.63 -15.62
C VAL B 120 -5.16 5.53 -14.66
N MET B 121 -4.35 4.62 -15.19
CA MET B 121 -3.89 3.45 -14.46
C MET B 121 -2.90 3.82 -13.36
N LEU B 122 -1.96 4.68 -13.71
CA LEU B 122 -1.01 5.22 -12.74
C LEU B 122 -1.69 5.92 -11.58
N GLN B 123 -2.75 6.64 -11.86
CA GLN B 123 -3.49 7.31 -10.82
C GLN B 123 -4.12 6.30 -9.91
N GLY B 124 -4.74 5.28 -10.51
CA GLY B 124 -5.46 4.26 -9.77
C GLY B 124 -4.55 3.46 -8.84
N LEU B 125 -3.34 3.19 -9.30
CA LEU B 125 -2.38 2.46 -8.49
C LEU B 125 -1.81 3.35 -7.40
N SER B 126 -1.56 4.62 -7.74
CA SER B 126 -1.12 5.61 -6.75
C SER B 126 -2.12 5.76 -5.62
N SER B 127 -3.40 5.75 -5.98
CA SER B 127 -4.45 5.83 -4.99
C SER B 127 -4.42 4.61 -4.07
N ARG B 128 -4.31 3.40 -4.64
CA ARG B 128 -4.13 2.18 -3.81
C ARG B 128 -2.99 2.31 -2.77
N ILE B 129 -1.86 2.84 -3.20
CA ILE B 129 -0.69 3.07 -2.33
C ILE B 129 -1.06 3.95 -1.15
N LEU B 130 -1.68 5.09 -1.43
CA LEU B 130 -2.11 6.01 -0.39
C LEU B 130 -3.16 5.39 0.53
N GLN B 131 -4.08 4.60 0.00
CA GLN B 131 -5.09 3.94 0.86
C GLN B 131 -4.47 2.89 1.79
N THR B 132 -3.60 2.03 1.27
CA THR B 132 -2.91 1.07 2.14
C THR B 132 -2.03 1.75 3.19
N GLU B 133 -1.39 2.84 2.83
CA GLU B 133 -0.60 3.60 3.80
C GLU B 133 -1.44 4.16 4.92
N MET B 134 -2.67 4.56 4.62
CA MET B 134 -3.58 5.01 5.67
C MET B 134 -4.02 3.90 6.59
N MET B 135 -4.18 2.69 6.09
CA MET B 135 -4.40 1.55 6.99
C MET B 135 -3.18 1.26 7.89
N ILE B 136 -1.98 1.40 7.33
CA ILE B 136 -0.78 1.30 8.13
C ILE B 136 -0.82 2.29 9.30
N GLU B 137 -1.17 3.55 9.01
CA GLU B 137 -1.36 4.58 10.05
C GLU B 137 -2.34 4.15 11.10
N THR B 138 -3.45 3.59 10.63
CA THR B 138 -4.49 3.07 11.49
C THR B 138 -3.99 1.98 12.41
N LEU B 139 -3.35 0.99 11.82
CA LEU B 139 -2.84 -0.15 12.59
C LEU B 139 -1.66 0.20 13.47
N ALA B 140 -0.95 1.27 13.14
CA ALA B 140 0.23 1.64 13.94
C ALA B 140 -0.17 2.27 15.27
N HIS B 141 -1.41 2.69 15.41
CA HIS B 141 -1.87 3.19 16.71
C HIS B 141 -1.83 2.10 17.79
N ARG B 142 -1.22 2.42 18.91
CA ARG B 142 -1.21 1.52 20.07
C ARG B 142 -2.53 1.55 20.84
N ASP B 143 -3.15 2.71 20.96
CA ASP B 143 -4.49 2.79 21.59
C ASP B 143 -5.50 2.10 20.64
N MET B 144 -6.13 1.03 21.14
CA MET B 144 -7.05 0.23 20.32
C MET B 144 -8.31 0.95 19.92
N GLY B 145 -8.72 1.91 20.75
CA GLY B 145 -9.86 2.77 20.43
C GLY B 145 -9.54 3.78 19.35
N SER B 146 -8.32 4.31 19.40
CA SER B 146 -7.80 5.22 18.37
C SER B 146 -7.77 4.50 17.04
N ARG B 147 -7.35 3.26 17.12
CA ARG B 147 -7.26 2.45 15.93
C ARG B 147 -8.67 2.17 15.37
N LEU B 148 -9.65 1.91 16.23
CA LEU B 148 -11.02 1.72 15.75
C LEU B 148 -11.55 3.03 15.12
N VAL B 149 -11.40 4.14 15.82
CA VAL B 149 -11.91 5.39 15.29
C VAL B 149 -11.30 5.69 13.93
N SER B 150 -9.98 5.54 13.83
CA SER B 150 -9.31 5.78 12.58
C SER B 150 -9.85 4.91 11.47
N PHE B 151 -10.06 3.63 11.74
CA PHE B 151 -10.68 2.76 10.77
C PHE B 151 -12.11 3.19 10.34
N LEU B 152 -12.94 3.56 11.33
CA LEU B 152 -14.29 4.01 11.04
C LEU B 152 -14.27 5.31 10.24
N LEU B 153 -13.31 6.18 10.53
CA LEU B 153 -13.13 7.41 9.69
C LEU B 153 -12.77 7.06 8.24
N ILE B 154 -11.96 6.02 8.04
CA ILE B 154 -11.68 5.50 6.70
C ILE B 154 -12.92 4.89 6.08
N LEU B 155 -13.73 4.14 6.84
CA LEU B 155 -14.97 3.63 6.25
C LEU B 155 -15.92 4.76 5.90
N CYS B 156 -15.97 5.83 6.70
CA CYS B 156 -16.79 6.99 6.35
C CYS B 156 -16.34 7.58 5.01
N ARG B 157 -15.03 7.69 4.82
CA ARG B 157 -14.49 8.23 3.57
C ARG B 157 -14.84 7.34 2.39
N ASP B 158 -14.71 6.03 2.55
CA ASP B 158 -14.83 5.12 1.43
C ASP B 158 -16.27 4.72 1.15
N PHE B 159 -17.05 4.53 2.22
CA PHE B 159 -18.38 3.96 2.11
C PHE B 159 -19.48 4.77 2.79
N GLY B 160 -19.20 5.99 3.23
CA GLY B 160 -20.15 6.75 4.02
C GLY B 160 -21.26 7.42 3.23
N ILE B 161 -22.44 7.56 3.85
CA ILE B 161 -23.61 8.26 3.28
C ILE B 161 -24.04 9.34 4.28
N PRO B 162 -24.34 10.55 3.79
CA PRO B 162 -24.88 11.52 4.72
C PRO B 162 -26.21 11.03 5.26
N SER B 163 -26.45 11.27 6.53
CA SER B 163 -27.65 10.77 7.16
C SER B 163 -28.02 11.77 8.23
N PRO B 164 -29.26 11.70 8.70
CA PRO B 164 -29.70 12.82 9.56
C PRO B 164 -28.67 13.18 10.66
N ASP B 165 -28.07 12.14 11.24
CA ASP B 165 -27.23 12.24 12.43
C ASP B 165 -25.71 12.39 12.16
N GLY B 166 -25.26 12.05 10.95
CA GLY B 166 -23.87 12.27 10.59
C GLY B 166 -23.54 11.56 9.28
N ILE B 167 -22.49 10.75 9.31
CA ILE B 167 -22.18 9.89 8.20
C ILE B 167 -22.41 8.46 8.68
N THR B 168 -23.18 7.72 7.90
CA THR B 168 -23.49 6.35 8.12
C THR B 168 -22.60 5.58 7.20
N ILE B 169 -21.87 4.62 7.75
CA ILE B 169 -21.02 3.77 6.95
C ILE B 169 -21.92 2.75 6.28
N ASP B 170 -22.03 2.85 4.96
CA ASP B 170 -23.06 2.09 4.20
C ASP B 170 -22.58 0.68 3.97
N LEU B 171 -22.33 -0.02 5.06
CA LEU B 171 -21.85 -1.41 5.07
C LEU B 171 -22.44 -1.99 6.32
N LYS B 172 -22.90 -3.23 6.20
CA LYS B 172 -23.36 -3.98 7.36
C LYS B 172 -22.14 -4.73 7.91
N LEU B 173 -21.66 -4.32 9.08
CA LEU B 173 -20.36 -4.76 9.60
C LEU B 173 -20.50 -5.64 10.83
N SER B 174 -20.01 -6.86 10.72
CA SER B 174 -19.92 -7.71 11.87
C SER B 174 -18.70 -7.25 12.69
N HIS B 175 -18.76 -7.49 13.99
CA HIS B 175 -17.67 -7.14 14.87
C HIS B 175 -16.41 -7.96 14.51
N GLN B 176 -16.63 -9.15 13.96
CA GLN B 176 -15.57 -10.00 13.43
C GLN B 176 -14.89 -9.38 12.23
N ALA B 177 -15.69 -8.83 11.29
CA ALA B 177 -15.15 -8.18 10.08
C ALA B 177 -14.30 -6.99 10.46
N ILE B 178 -14.74 -6.24 11.44
CA ILE B 178 -13.95 -5.13 11.96
C ILE B 178 -12.65 -5.64 12.63
N ALA B 179 -12.76 -6.75 13.39
CA ALA B 179 -11.67 -7.31 14.14
C ALA B 179 -10.56 -7.70 13.16
N GLU B 180 -10.98 -8.33 12.08
CA GLU B 180 -10.05 -8.79 11.07
C GLU B 180 -9.36 -7.65 10.36
N ALA B 181 -9.92 -6.44 10.40
CA ALA B 181 -9.31 -5.32 9.67
C ALA B 181 -8.42 -4.45 10.54
N ILE B 182 -8.58 -4.53 11.86
CA ILE B 182 -7.77 -3.73 12.76
C ILE B 182 -6.84 -4.57 13.65
N GLY B 183 -6.65 -5.84 13.30
CA GLY B 183 -5.79 -6.72 14.08
C GLY B 183 -6.23 -6.79 15.53
N SER B 184 -7.53 -6.89 15.73
CA SER B 184 -8.07 -7.09 17.08
C SER B 184 -8.89 -8.34 17.19
N THR B 185 -9.60 -8.48 18.30
CA THR B 185 -10.51 -9.59 18.51
C THR B 185 -11.94 -9.10 18.49
N ARG B 186 -12.86 -9.98 18.15
CA ARG B 186 -14.28 -9.73 18.16
C ARG B 186 -14.74 -9.15 19.50
N VAL B 187 -14.31 -9.76 20.61
CA VAL B 187 -14.64 -9.27 21.97
C VAL B 187 -14.20 -7.82 22.23
N THR B 188 -13.05 -7.44 21.69
CA THR B 188 -12.49 -6.12 21.97
C THR B 188 -13.18 -5.10 21.11
N VAL B 189 -13.63 -5.52 19.95
CA VAL B 189 -14.39 -4.61 19.11
C VAL B 189 -15.72 -4.25 19.75
N THR B 190 -16.43 -5.25 20.27
CA THR B 190 -17.75 -5.06 20.88
C THR B 190 -17.63 -4.03 22.00
N ARG B 191 -16.71 -4.29 22.93
CA ARG B 191 -16.47 -3.38 24.03
C ARG B 191 -16.17 -1.96 23.55
N LEU B 192 -15.33 -1.83 22.53
CA LEU B 192 -14.93 -0.48 22.11
C LEU B 192 -16.09 0.23 21.40
N LEU B 193 -16.84 -0.49 20.57
CA LEU B 193 -18.07 0.08 19.97
C LEU B 193 -19.05 0.52 21.08
N GLY B 194 -19.23 -0.31 22.09
CA GLY B 194 -20.05 0.05 23.25
C GLY B 194 -19.64 1.37 23.89
N ASP B 195 -18.35 1.55 24.10
CA ASP B 195 -17.79 2.78 24.69
C ASP B 195 -18.06 3.96 23.81
N LEU B 196 -17.91 3.78 22.50
CA LEU B 196 -18.15 4.84 21.54
C LEU B 196 -19.60 5.32 21.53
N ARG B 197 -20.54 4.38 21.59
CA ARG B 197 -21.96 4.69 21.73
C ARG B 197 -22.24 5.40 23.03
N GLU B 198 -21.70 4.89 24.13
CA GLU B 198 -21.92 5.51 25.44
C GLU B 198 -21.35 6.94 25.48
N SER B 199 -20.26 7.20 24.75
CA SER B 199 -19.71 8.56 24.66
C SER B 199 -20.46 9.44 23.65
N LYS B 200 -21.49 8.89 23.03
CA LYS B 200 -22.32 9.63 22.06
C LYS B 200 -21.49 10.09 20.85
N LEU B 201 -20.59 9.21 20.39
CA LEU B 201 -19.77 9.49 19.19
C LEU B 201 -20.27 8.75 17.96
N ILE B 202 -20.88 7.59 18.18
CA ILE B 202 -21.51 6.82 17.11
C ILE B 202 -22.91 6.36 17.53
N ALA B 203 -23.73 6.00 16.54
CA ALA B 203 -24.96 5.24 16.77
C ALA B 203 -24.85 3.95 15.97
N ILE B 204 -25.58 2.93 16.39
CA ILE B 204 -25.60 1.66 15.65
C ILE B 204 -27.04 1.22 15.41
N HIS B 205 -27.36 0.98 14.14
CA HIS B 205 -28.71 0.55 13.75
CA HIS B 205 -28.71 0.53 13.76
C HIS B 205 -28.57 -0.44 12.59
N LYS B 206 -29.10 -1.64 12.78
CA LYS B 206 -29.10 -2.69 11.77
C LYS B 206 -27.72 -3.08 11.25
N LYS B 207 -26.75 -3.08 12.15
CA LYS B 207 -25.33 -3.35 11.85
C LYS B 207 -24.65 -2.28 11.01
N ARG B 208 -25.32 -1.14 10.88
CA ARG B 208 -24.67 0.03 10.32
C ARG B 208 -24.25 1.04 11.40
N ILE B 209 -23.00 1.46 11.29
CA ILE B 209 -22.45 2.42 12.23
C ILE B 209 -22.59 3.81 11.64
N THR B 210 -23.11 4.73 12.43
CA THR B 210 -23.20 6.13 12.04
C THR B 210 -22.23 6.86 12.93
N VAL B 211 -21.34 7.64 12.33
CA VAL B 211 -20.38 8.48 13.05
C VAL B 211 -20.89 9.93 13.01
N PHE B 212 -21.14 10.50 14.19
CA PHE B 212 -21.92 11.72 14.27
C PHE B 212 -21.21 12.95 13.71
N ASN B 213 -19.93 13.11 14.04
CA ASN B 213 -19.17 14.26 13.59
C ASN B 213 -17.80 13.83 13.11
N PRO B 214 -17.76 13.11 11.99
CA PRO B 214 -16.48 12.56 11.51
C PRO B 214 -15.39 13.61 11.25
N VAL B 215 -15.76 14.82 10.85
CA VAL B 215 -14.78 15.89 10.64
C VAL B 215 -14.12 16.23 11.95
N ALA B 216 -14.91 16.52 12.97
CA ALA B 216 -14.36 16.91 14.26
C ALA B 216 -13.58 15.78 14.95
N LEU B 217 -13.99 14.52 14.74
CA LEU B 217 -13.24 13.39 15.27
C LEU B 217 -11.85 13.30 14.64
N SER B 218 -11.75 13.56 13.34
CA SER B 218 -10.48 13.42 12.65
C SER B 218 -9.48 14.45 13.16
N GLN B 219 -9.96 15.64 13.55
CA GLN B 219 -9.07 16.68 14.01
CA GLN B 219 -9.13 16.73 14.09
C GLN B 219 -8.29 16.28 15.27
N GLN B 220 -8.81 15.29 16.00
CA GLN B 220 -8.15 14.78 17.22
CA GLN B 220 -8.16 14.78 17.21
C GLN B 220 -7.05 13.76 16.90
N PHE B 221 -6.71 13.58 15.62
CA PHE B 221 -5.67 12.63 15.19
C PHE B 221 -4.43 13.28 14.56
N SER B 222 -4.23 14.60 14.70
CA SER B 222 -3.34 15.32 13.79
C SER B 222 -1.84 15.25 14.15
N GLU C 4 -20.70 20.62 6.19
CA GLU C 4 -21.76 19.55 6.46
C GLU C 4 -22.65 19.19 5.26
N ASN C 5 -22.36 19.76 4.09
CA ASN C 5 -22.82 19.24 2.80
C ASN C 5 -21.65 18.42 2.20
N TYR C 6 -21.98 17.33 1.49
CA TYR C 6 -21.03 16.29 1.13
C TYR C 6 -21.04 15.95 -0.35
N LEU C 7 -19.95 15.33 -0.81
CA LEU C 7 -19.77 15.02 -2.22
C LEU C 7 -18.74 13.92 -2.40
N ASN C 8 -19.04 12.96 -3.26
CA ASN C 8 -18.16 11.82 -3.47
C ASN C 8 -17.23 12.06 -4.63
N HIS C 9 -15.94 12.21 -4.35
CA HIS C 9 -14.91 12.23 -5.40
C HIS C 9 -14.64 10.77 -5.83
N PRO C 10 -14.60 10.50 -7.16
CA PRO C 10 -14.43 9.12 -7.66
C PRO C 10 -13.18 8.43 -7.16
N THR C 11 -12.12 9.19 -6.97
CA THR C 11 -10.87 8.68 -6.48
C THR C 11 -10.75 8.83 -4.98
N PHE C 12 -11.07 10.02 -4.46
CA PHE C 12 -10.69 10.36 -3.06
C PHE C 12 -11.73 10.07 -2.00
N GLY C 13 -12.92 9.66 -2.43
CA GLY C 13 -14.00 9.34 -1.50
C GLY C 13 -14.74 10.58 -1.01
N LEU C 14 -15.36 10.47 0.16
CA LEU C 14 -16.29 11.49 0.64
C LEU C 14 -15.56 12.81 0.94
N LEU C 15 -16.11 13.89 0.41
CA LEU C 15 -15.60 15.24 0.67
C LEU C 15 -16.68 16.02 1.40
N TYR C 16 -16.30 17.07 2.13
CA TYR C 16 -17.29 17.98 2.75
C TYR C 16 -16.99 19.42 2.37
N GLN C 17 -18.04 20.22 2.26
CA GLN C 17 -17.95 21.57 1.78
C GLN C 17 -17.42 22.48 2.85
N ILE C 18 -16.44 23.30 2.50
CA ILE C 18 -15.94 24.28 3.41
C ILE C 18 -16.74 25.56 3.22
N CYS C 19 -17.02 25.91 1.96
CA CYS C 19 -17.78 27.13 1.65
C CYS C 19 -18.04 27.28 0.16
N SER C 20 -18.99 28.17 -0.17
CA SER C 20 -19.37 28.55 -1.54
C SER C 20 -18.71 29.82 -1.97
N PHE C 21 -18.56 29.99 -3.28
CA PHE C 21 -17.96 31.22 -3.83
C PHE C 21 -18.92 32.02 -4.73
N GLY C 22 -19.34 31.43 -5.85
CA GLY C 22 -20.18 32.12 -6.87
C GLY C 22 -19.60 32.01 -8.26
N SER C 24 -20.88 29.79 -9.32
CA SER C 24 -21.51 28.66 -8.61
C SER C 24 -20.47 27.57 -8.24
N LYS C 25 -19.28 28.00 -7.87
CA LYS C 25 -18.13 27.11 -7.62
C LYS C 25 -17.96 26.99 -6.10
N GLU C 26 -17.41 25.87 -5.63
CA GLU C 26 -17.38 25.55 -4.18
C GLU C 26 -16.02 24.99 -3.76
N LEU C 27 -15.66 25.21 -2.49
CA LEU C 27 -14.47 24.62 -1.89
C LEU C 27 -14.84 23.43 -1.00
N PHE C 28 -14.23 22.28 -1.28
CA PHE C 28 -14.48 21.06 -0.52
C PHE C 28 -13.16 20.53 0.08
N ALA C 29 -13.22 19.60 1.02
CA ALA C 29 -12.02 19.06 1.59
C ALA C 29 -12.24 17.59 1.94
N THR C 30 -11.14 16.86 2.07
CA THR C 30 -11.21 15.46 2.43
C THR C 30 -11.63 15.30 3.88
N LEU C 31 -12.43 14.28 4.10
CA LEU C 31 -13.01 14.03 5.42
C LEU C 31 -11.92 13.75 6.43
N TYR C 32 -10.90 12.98 6.03
CA TYR C 32 -9.88 12.52 6.93
C TYR C 32 -8.80 13.59 7.08
N ALA C 33 -9.01 14.54 7.98
CA ALA C 33 -7.97 15.50 8.37
C ALA C 33 -7.62 16.54 7.31
N GLN C 34 -8.45 16.68 6.28
CA GLN C 34 -8.30 17.74 5.30
C GLN C 34 -6.89 17.82 4.65
N ARG C 35 -6.31 16.65 4.40
CA ARG C 35 -5.06 16.53 3.68
C ARG C 35 -5.15 17.07 2.24
N LEU C 36 -6.35 17.08 1.67
CA LEU C 36 -6.54 17.62 0.33
C LEU C 36 -7.79 18.50 0.28
N PHE C 37 -7.64 19.58 -0.47
CA PHE C 37 -8.68 20.54 -0.75
C PHE C 37 -8.97 20.51 -2.23
N PHE C 38 -10.23 20.78 -2.60
CA PHE C 38 -10.63 20.76 -4.00
C PHE C 38 -11.56 21.91 -4.35
N LEU C 39 -11.19 22.68 -5.36
CA LEU C 39 -12.10 23.63 -6.00
C LEU C 39 -13.07 22.80 -6.84
N VAL C 40 -14.36 23.00 -6.67
CA VAL C 40 -15.40 22.22 -7.37
C VAL C 40 -16.33 23.11 -8.20
N ALA C 41 -16.58 22.68 -9.43
CA ALA C 41 -17.42 23.41 -10.37
C ALA C 41 -18.51 22.48 -10.90
N PHE C 42 -19.75 22.98 -11.00
CA PHE C 42 -20.89 22.21 -11.46
C PHE C 42 -21.45 22.76 -12.76
N ASP C 43 -22.12 21.88 -13.53
CA ASP C 43 -22.49 22.16 -14.91
C ASP C 43 -23.49 21.08 -15.41
N ALA C 44 -24.05 21.25 -16.61
CA ALA C 44 -24.90 20.21 -17.22
C ALA C 44 -24.13 18.98 -17.73
N ARG C 45 -22.83 18.92 -17.46
CA ARG C 45 -22.00 17.74 -17.82
C ARG C 45 -21.79 16.70 -16.69
N GLY C 46 -21.29 17.09 -15.50
CA GLY C 46 -20.92 18.47 -15.17
C GLY C 46 -20.04 18.77 -13.97
N THR C 47 -19.91 17.86 -13.00
CA THR C 47 -19.12 18.14 -11.79
C THR C 47 -17.62 17.86 -11.95
N ARG C 48 -16.79 18.86 -11.67
CA ARG C 48 -15.35 18.81 -11.93
C ARG C 48 -14.56 19.25 -10.70
N PHE C 49 -13.42 18.61 -10.48
CA PHE C 49 -12.61 18.82 -9.28
C PHE C 49 -11.22 19.26 -9.67
N GLU C 50 -10.74 20.28 -9.00
CA GLU C 50 -9.41 20.78 -9.20
C GLU C 50 -8.75 20.77 -7.84
N PRO C 51 -7.62 20.06 -7.67
CA PRO C 51 -6.99 20.15 -6.37
C PRO C 51 -6.37 21.54 -6.16
N ILE C 52 -6.28 21.97 -4.91
CA ILE C 52 -5.56 23.19 -4.56
C ILE C 52 -4.89 23.01 -3.19
N GLY C 53 -3.79 23.72 -2.98
CA GLY C 53 -3.06 23.61 -1.74
C GLY C 53 -3.74 24.30 -0.58
N ARG C 54 -3.35 23.88 0.61
CA ARG C 54 -3.92 24.39 1.84
C ARG C 54 -3.74 25.91 1.99
N ASN C 55 -2.57 26.43 1.62
CA ASN C 55 -2.32 27.87 1.73
C ASN C 55 -3.23 28.64 0.76
N GLU C 56 -3.47 28.09 -0.44
CA GLU C 56 -4.32 28.76 -1.41
C GLU C 56 -5.81 28.63 -1.07
N ALA C 57 -6.20 27.50 -0.49
CA ALA C 57 -7.56 27.36 0.00
C ALA C 57 -7.81 28.35 1.11
N ARG C 58 -6.85 28.48 2.01
CA ARG C 58 -6.91 29.49 3.07
C ARG C 58 -7.15 30.91 2.52
N MET C 59 -6.35 31.33 1.55
CA MET C 59 -6.50 32.65 0.98
C MET C 59 -7.85 32.80 0.29
N LEU C 60 -8.37 31.70 -0.26
CA LEU C 60 -9.67 31.67 -0.93
C LEU C 60 -10.79 31.97 0.10
N VAL C 61 -10.77 31.27 1.24
CA VAL C 61 -11.82 31.47 2.25
C VAL C 61 -11.65 32.89 2.83
N ASP C 62 -10.42 33.32 3.00
CA ASP C 62 -10.12 34.68 3.37
C ASP C 62 -10.77 35.77 2.44
N ASN C 63 -10.50 35.68 1.14
CA ASN C 63 -11.15 36.52 0.13
C ASN C 63 -12.67 36.48 0.26
N ARG C 64 -13.21 35.29 0.35
CA ARG C 64 -14.62 35.09 0.53
C ARG C 64 -15.15 35.81 1.78
N LEU C 65 -14.40 35.79 2.88
CA LEU C 65 -14.80 36.50 4.12
C LEU C 65 -14.83 38.00 3.89
N ARG C 66 -13.80 38.53 3.24
CA ARG C 66 -13.79 39.91 2.80
C ARG C 66 -15.03 40.28 1.96
N GLN C 67 -15.49 39.40 1.07
CA GLN C 67 -16.66 39.72 0.22
C GLN C 67 -17.94 39.66 1.06
N LEU C 68 -18.05 38.68 1.95
CA LEU C 68 -19.21 38.60 2.85
C LEU C 68 -19.28 39.82 3.77
N ARG C 69 -18.13 40.25 4.28
CA ARG C 69 -18.07 41.43 5.14
CA ARG C 69 -18.08 41.43 5.14
C ARG C 69 -18.60 42.67 4.44
N ARG C 70 -18.19 42.87 3.18
CA ARG C 70 -18.61 44.05 2.42
C ARG C 70 -20.03 43.94 1.89
N ASP C 71 -20.42 42.77 1.38
CA ASP C 71 -21.64 42.71 0.58
C ASP C 71 -22.78 41.80 1.04
N ALA C 72 -22.58 41.02 2.07
CA ALA C 72 -23.64 40.08 2.51
C ALA C 72 -23.97 40.25 4.01
N SER C 73 -24.65 39.27 4.57
CA SER C 73 -25.19 39.36 5.91
C SER C 73 -24.16 39.06 6.98
N LEU C 74 -24.38 39.61 8.17
CA LEU C 74 -23.56 39.25 9.32
C LEU C 74 -23.59 37.75 9.58
N GLN C 75 -24.76 37.13 9.51
CA GLN C 75 -24.85 35.72 9.78
C GLN C 75 -23.92 34.91 8.88
N GLU C 76 -23.91 35.19 7.59
CA GLU C 76 -23.09 34.39 6.68
C GLU C 76 -21.62 34.57 7.00
N TYR C 77 -21.22 35.81 7.21
CA TYR C 77 -19.88 36.17 7.58
C TYR C 77 -19.44 35.41 8.85
N ASN C 78 -20.31 35.41 9.87
CA ASN C 78 -20.03 34.74 11.14
C ASN C 78 -19.97 33.22 10.97
N GLN C 79 -20.84 32.65 10.16
CA GLN C 79 -20.79 31.21 9.85
C GLN C 79 -19.43 30.87 9.19
N LEU C 80 -19.06 31.58 8.14
CA LEU C 80 -17.85 31.29 7.40
C LEU C 80 -16.60 31.46 8.26
N GLN C 81 -16.60 32.44 9.15
CA GLN C 81 -15.45 32.75 10.01
C GLN C 81 -15.20 31.61 11.00
N GLN C 82 -16.29 31.08 11.56
CA GLN C 82 -16.20 29.89 12.36
C GLN C 82 -15.60 28.74 11.53
N VAL C 83 -16.07 28.54 10.29
CA VAL C 83 -15.54 27.51 9.45
C VAL C 83 -14.03 27.79 9.18
N PHE C 84 -13.66 29.05 9.00
CA PHE C 84 -12.26 29.38 8.80
C PHE C 84 -11.42 28.96 10.00
N LYS C 85 -11.93 29.22 11.20
CA LYS C 85 -11.18 28.98 12.40
C LYS C 85 -11.04 27.46 12.67
N GLN C 86 -12.06 26.67 12.34
CA GLN C 86 -12.04 25.23 12.54
CA GLN C 86 -12.10 25.22 12.50
C GLN C 86 -11.21 24.54 11.47
N THR C 87 -11.10 25.15 10.30
CA THR C 87 -10.38 24.55 9.19
C THR C 87 -8.87 24.93 9.16
N PHE C 88 -8.53 26.16 9.54
CA PHE C 88 -7.20 26.72 9.32
C PHE C 88 -6.45 27.17 10.60
N LEU C 89 -7.14 27.45 11.71
CA LEU C 89 -6.45 28.01 12.89
C LEU C 89 -6.36 27.04 14.05
N GLU D 4 20.12 -21.97 0.38
CA GLU D 4 21.10 -21.16 1.23
C GLU D 4 22.17 -20.39 0.42
N ASN D 5 22.06 -20.41 -0.92
CA ASN D 5 22.71 -19.43 -1.78
C ASN D 5 21.64 -18.39 -2.17
N TYR D 6 22.05 -17.13 -2.33
CA TYR D 6 21.13 -16.00 -2.38
C TYR D 6 21.35 -15.08 -3.57
N LEU D 7 20.32 -14.30 -3.89
CA LEU D 7 20.34 -13.44 -5.07
C LEU D 7 19.30 -12.33 -4.95
N ASN D 8 19.71 -11.12 -5.29
CA ASN D 8 18.82 -9.97 -5.16
C ASN D 8 18.09 -9.70 -6.44
N HIS D 9 16.79 -9.90 -6.45
CA HIS D 9 15.91 -9.45 -7.55
C HIS D 9 15.65 -7.94 -7.39
N PRO D 10 15.84 -7.15 -8.47
CA PRO D 10 15.69 -5.67 -8.39
C PRO D 10 14.35 -5.20 -7.86
N THR D 11 13.31 -5.94 -8.17
CA THR D 11 11.97 -5.63 -7.70
C THR D 11 11.61 -6.39 -6.44
N PHE D 12 11.90 -7.70 -6.40
CA PHE D 12 11.34 -8.58 -5.33
C PHE D 12 12.21 -8.77 -4.10
N GLY D 13 13.43 -8.25 -4.12
CA GLY D 13 14.34 -8.37 -2.99
C GLY D 13 15.03 -9.73 -2.94
N LEU D 14 15.45 -10.14 -1.75
CA LEU D 14 16.32 -11.29 -1.58
C LEU D 14 15.63 -12.59 -1.96
N LEU D 15 16.30 -13.38 -2.79
CA LEU D 15 15.80 -14.69 -3.18
C LEU D 15 16.80 -15.73 -2.67
N TYR D 16 16.34 -16.96 -2.50
CA TYR D 16 17.25 -18.08 -2.16
C TYR D 16 17.05 -19.23 -3.14
N GLN D 17 18.13 -19.94 -3.41
CA GLN D 17 18.16 -21.00 -4.41
C GLN D 17 17.49 -22.24 -3.89
N ILE D 18 16.61 -22.82 -4.68
CA ILE D 18 16.00 -24.07 -4.33
C ILE D 18 16.84 -25.20 -4.91
N CYS D 19 17.33 -25.02 -6.14
CA CYS D 19 18.17 -26.02 -6.79
C CYS D 19 18.68 -25.57 -8.15
N SER D 20 19.72 -26.26 -8.64
CA SER D 20 20.31 -26.08 -9.99
C SER D 20 19.60 -26.95 -11.00
N PHE D 21 19.82 -26.66 -12.28
CA PHE D 21 19.35 -27.53 -13.37
C PHE D 21 20.46 -27.94 -14.35
N GLY D 22 21.03 -26.95 -15.05
CA GLY D 22 22.02 -27.17 -16.12
C GLY D 22 21.55 -26.49 -17.41
N ASP D 23 22.22 -25.46 -17.95
CA ASP D 23 23.38 -24.74 -17.39
C ASP D 23 23.61 -24.89 -15.90
N LYS D 25 21.18 -22.89 -15.47
CA LYS D 25 19.95 -22.21 -15.08
C LYS D 25 19.54 -22.74 -13.70
N GLU D 26 18.91 -21.90 -12.89
CA GLU D 26 18.64 -22.20 -11.47
C GLU D 26 17.22 -21.83 -11.08
N LEU D 27 16.68 -22.53 -10.07
CA LEU D 27 15.39 -22.19 -9.46
C LEU D 27 15.59 -21.49 -8.13
N PHE D 28 15.00 -20.29 -8.02
CA PHE D 28 15.06 -19.49 -6.80
C PHE D 28 13.64 -19.20 -6.27
N ALA D 29 13.53 -18.74 -5.04
CA ALA D 29 12.23 -18.44 -4.49
C ALA D 29 12.36 -17.26 -3.53
N THR D 30 11.22 -16.61 -3.27
CA THR D 30 11.21 -15.48 -2.37
C THR D 30 11.40 -15.94 -0.94
N LEU D 31 12.10 -15.11 -0.20
CA LEU D 31 12.47 -15.42 1.18
C LEU D 31 11.23 -15.54 2.04
N TYR D 32 10.25 -14.66 1.81
CA TYR D 32 9.09 -14.57 2.67
C TYR D 32 8.05 -15.57 2.20
N ALA D 33 8.15 -16.82 2.64
CA ALA D 33 7.06 -17.80 2.47
C ALA D 33 6.89 -18.31 1.03
N GLN D 34 7.88 -18.06 0.18
CA GLN D 34 7.93 -18.63 -1.17
C GLN D 34 6.65 -18.40 -2.00
N ARG D 35 6.08 -17.22 -1.84
CA ARG D 35 4.95 -16.75 -2.64
C ARG D 35 5.28 -16.64 -4.14
N LEU D 36 6.56 -16.49 -4.47
CA LEU D 36 6.98 -16.43 -5.85
C LEU D 36 8.26 -17.25 -6.07
N PHE D 37 8.26 -17.93 -7.22
CA PHE D 37 9.36 -18.73 -7.68
C PHE D 37 9.88 -18.09 -8.93
N PHE D 38 11.18 -18.24 -9.19
CA PHE D 38 11.81 -17.68 -10.39
C PHE D 38 12.80 -18.65 -11.01
N LEU D 39 12.63 -18.93 -12.30
CA LEU D 39 13.65 -19.56 -13.13
C LEU D 39 14.71 -18.48 -13.42
N VAL D 40 15.98 -18.78 -13.14
CA VAL D 40 17.07 -17.81 -13.29
C VAL D 40 18.15 -18.31 -14.26
N ALA D 41 18.56 -17.43 -15.17
CA ALA D 41 19.56 -17.75 -16.19
C ALA D 41 20.68 -16.72 -16.15
N PHE D 42 21.94 -17.17 -16.22
CA PHE D 42 23.12 -16.30 -16.13
C PHE D 42 23.89 -16.30 -17.44
N ASP D 43 24.64 -15.21 -17.68
CA ASP D 43 25.23 -14.91 -18.97
C ASP D 43 26.25 -13.75 -18.84
N ALA D 44 26.99 -13.43 -19.90
CA ALA D 44 27.89 -12.27 -19.91
C ALA D 44 27.17 -10.91 -19.99
N ARG D 45 25.83 -10.90 -19.91
CA ARG D 45 25.03 -9.66 -19.87
C ARG D 45 24.60 -9.17 -18.47
N GLY D 46 23.94 -10.00 -17.64
CA GLY D 46 23.57 -11.39 -17.96
C GLY D 46 22.52 -12.10 -17.13
N THR D 47 22.23 -11.66 -15.91
CA THR D 47 21.26 -12.39 -15.05
C THR D 47 19.81 -12.02 -15.33
N ARG D 48 18.98 -13.02 -15.59
CA ARG D 48 17.59 -12.83 -16.03
C ARG D 48 16.65 -13.72 -15.22
N PHE D 49 15.45 -13.18 -14.94
CA PHE D 49 14.49 -13.83 -14.06
C PHE D 49 13.19 -14.01 -14.80
N GLU D 50 12.65 -15.21 -14.70
CA GLU D 50 11.38 -15.55 -15.28
C GLU D 50 10.53 -16.08 -14.15
N PRO D 51 9.36 -15.45 -13.90
CA PRO D 51 8.53 -16.06 -12.86
C PRO D 51 7.94 -17.39 -13.33
N ILE D 52 7.68 -18.29 -12.39
CA ILE D 52 6.95 -19.51 -12.68
C ILE D 52 6.09 -19.90 -11.47
N GLY D 53 4.97 -20.57 -11.73
CA GLY D 53 4.06 -20.95 -10.67
C GLY D 53 4.59 -22.07 -9.81
N ARG D 54 4.00 -22.18 -8.64
CA ARG D 54 4.38 -23.16 -7.64
C ARG D 54 4.22 -24.61 -8.15
N ASN D 55 3.14 -24.88 -8.88
CA ASN D 55 2.95 -26.25 -9.41
C ASN D 55 4.00 -26.58 -10.45
N GLU D 56 4.40 -25.61 -11.28
CA GLU D 56 5.42 -25.84 -12.29
C GLU D 56 6.81 -25.91 -11.69
N ALA D 57 7.07 -25.12 -10.65
CA ALA D 57 8.34 -25.23 -9.94
C ALA D 57 8.46 -26.60 -9.30
N ARG D 58 7.39 -27.05 -8.67
CA ARG D 58 7.32 -28.39 -8.12
C ARG D 58 7.67 -29.47 -9.16
N MET D 59 7.05 -29.43 -10.33
CA MET D 59 7.34 -30.43 -11.36
C MET D 59 8.78 -30.31 -11.83
N LEU D 60 9.32 -29.10 -11.82
CA LEU D 60 10.71 -28.85 -12.21
C LEU D 60 11.69 -29.57 -11.24
N VAL D 61 11.47 -29.42 -9.93
CA VAL D 61 12.37 -30.05 -8.95
C VAL D 61 12.13 -31.58 -9.00
N ASP D 62 10.90 -31.97 -9.21
CA ASP D 62 10.60 -33.36 -9.48
C ASP D 62 11.40 -34.00 -10.67
N ASN D 63 11.35 -33.39 -11.85
CA ASN D 63 12.18 -33.78 -12.99
C ASN D 63 13.66 -33.83 -12.61
N ARG D 64 14.13 -32.78 -11.96
CA ARG D 64 15.51 -32.74 -11.52
C ARG D 64 15.88 -33.92 -10.63
N LEU D 65 14.98 -34.33 -9.73
CA LEU D 65 15.20 -35.49 -8.84
C LEU D 65 15.29 -36.78 -9.64
N ARG D 66 14.41 -36.94 -10.59
CA ARG D 66 14.51 -38.03 -11.56
C ARG D 66 15.88 -38.06 -12.30
N GLN D 67 16.42 -36.90 -12.68
CA GLN D 67 17.72 -36.88 -13.37
C GLN D 67 18.87 -37.22 -12.39
N LEU D 68 18.81 -36.69 -11.16
CA LEU D 68 19.81 -37.03 -10.15
C LEU D 68 19.82 -38.53 -9.82
N ARG D 69 18.62 -39.10 -9.69
CA ARG D 69 18.46 -40.52 -9.41
CA ARG D 69 18.47 -40.51 -9.40
C ARG D 69 19.13 -41.38 -10.47
N ARG D 70 18.91 -41.05 -11.73
CA ARG D 70 19.47 -41.81 -12.84
C ARG D 70 20.96 -41.54 -13.04
N ASP D 71 21.38 -40.28 -12.97
CA ASP D 71 22.71 -39.94 -13.49
C ASP D 71 23.74 -39.34 -12.53
N ALA D 72 23.37 -39.06 -11.30
CA ALA D 72 24.29 -38.40 -10.37
C ALA D 72 24.42 -39.17 -9.03
N SER D 73 24.97 -38.51 -8.03
CA SER D 73 25.30 -39.15 -6.77
C SER D 73 24.10 -39.25 -5.85
N LEU D 74 24.13 -40.24 -4.97
CA LEU D 74 23.13 -40.36 -3.91
C LEU D 74 23.08 -39.11 -3.06
N GLN D 75 24.23 -38.56 -2.69
CA GLN D 75 24.23 -37.39 -1.86
C GLN D 75 23.41 -36.25 -2.49
N GLU D 76 23.62 -36.00 -3.79
CA GLU D 76 22.93 -34.87 -4.41
C GLU D 76 21.44 -35.08 -4.42
N TYR D 77 21.04 -36.30 -4.78
CA TYR D 77 19.66 -36.73 -4.78
C TYR D 77 19.01 -36.54 -3.41
N ASN D 78 19.72 -36.98 -2.37
CA ASN D 78 19.22 -36.89 -0.99
C ASN D 78 19.11 -35.44 -0.54
N GLN D 79 20.09 -34.60 -0.89
CA GLN D 79 20.03 -33.17 -0.59
C GLN D 79 18.75 -32.55 -1.25
N LEU D 80 18.59 -32.76 -2.55
CA LEU D 80 17.51 -32.17 -3.29
C LEU D 80 16.15 -32.63 -2.80
N GLN D 81 16.05 -33.89 -2.37
CA GLN D 81 14.81 -34.48 -1.89
C GLN D 81 14.36 -33.81 -0.57
N GLN D 82 15.34 -33.57 0.31
CA GLN D 82 15.09 -32.81 1.51
C GLN D 82 14.59 -31.40 1.14
N VAL D 83 15.23 -30.76 0.15
CA VAL D 83 14.78 -29.46 -0.28
C VAL D 83 13.34 -29.56 -0.84
N PHE D 84 13.04 -30.62 -1.57
CA PHE D 84 11.70 -30.79 -2.11
C PHE D 84 10.67 -30.89 -1.00
N LYS D 85 11.02 -31.63 0.06
CA LYS D 85 10.08 -31.86 1.14
C LYS D 85 9.86 -30.57 1.98
N GLN D 86 10.89 -29.75 2.14
CA GLN D 86 10.78 -28.51 2.91
CA GLN D 86 10.85 -28.49 2.88
C GLN D 86 10.11 -27.42 2.09
N THR D 87 10.19 -27.51 0.77
CA THR D 87 9.65 -26.48 -0.10
C THR D 87 8.18 -26.76 -0.50
N PHE D 88 7.83 -28.03 -0.72
CA PHE D 88 6.57 -28.40 -1.34
C PHE D 88 5.64 -29.31 -0.48
N LEU D 89 6.17 -30.06 0.49
CA LEU D 89 5.33 -31.02 1.22
C LEU D 89 5.02 -30.60 2.64
#